data_6I0I
#
_entry.id   6I0I
#
_cell.length_a   46.481
_cell.length_b   35.153
_cell.length_c   64.016
_cell.angle_alpha   90.000
_cell.angle_beta   105.710
_cell.angle_gamma   90.000
#
_symmetry.space_group_name_H-M   'P 1 21 1'
#
loop_
_entity.id
_entity.type
_entity.pdbx_description
1 polymer 'Transglutaminase-activating metalloprotease inhibitor'
2 water water
#
_entity_poly.entity_id   1
_entity_poly.type   'polypeptide(L)'
_entity_poly.pdbx_seq_one_letter_code
;YAPSALVLTVGQGDKAASAGVQRAVTLNCMPKPSGTHPDARGACDQLRAASGNFAEITKIKSGTACTKEWNPFVVTAEGV
WEGQRVKYEHTFANPCEMKAGKGTVFEF
;
_entity_poly.pdbx_strand_id   A,B
#
# COMPACT_ATOMS: atom_id res chain seq x y z
N TYR A 1 -4.82 17.16 4.45
CA TYR A 1 -5.97 16.64 5.17
C TYR A 1 -5.99 15.12 5.16
N ALA A 2 -6.01 14.51 6.35
CA ALA A 2 -6.19 13.06 6.52
C ALA A 2 -4.94 12.30 6.12
N PRO A 3 -4.83 11.01 6.42
CA PRO A 3 -3.57 10.29 6.18
C PRO A 3 -3.24 10.13 4.70
N SER A 4 -1.93 10.16 4.42
CA SER A 4 -1.41 9.89 3.08
C SER A 4 -0.30 8.86 3.27
N ALA A 5 -0.65 7.59 3.08
CA ALA A 5 0.24 6.46 3.32
C ALA A 5 0.15 5.53 2.12
N LEU A 6 1.29 5.11 1.58
CA LEU A 6 1.31 4.46 0.28
C LEU A 6 2.34 3.34 0.25
N VAL A 7 2.05 2.34 -0.58
N VAL A 7 2.08 2.35 -0.59
CA VAL A 7 3.02 1.34 -1.00
CA VAL A 7 3.09 1.37 -0.97
C VAL A 7 3.16 1.49 -2.51
C VAL A 7 3.19 1.34 -2.48
N LEU A 8 4.40 1.48 -3.00
CA LEU A 8 4.70 1.56 -4.42
C LEU A 8 5.51 0.35 -4.81
N THR A 9 5.21 -0.19 -6.01
CA THR A 9 5.91 -1.38 -6.49
C THR A 9 6.38 -1.16 -7.92
N VAL A 10 7.37 -1.94 -8.30
CA VAL A 10 7.80 -2.06 -9.69
C VAL A 10 7.97 -3.54 -9.99
N GLY A 11 7.61 -3.95 -11.20
CA GLY A 11 7.73 -5.35 -11.58
C GLY A 11 7.80 -5.49 -13.08
N GLN A 12 8.16 -6.70 -13.50
CA GLN A 12 8.34 -7.04 -14.90
C GLN A 12 7.03 -7.54 -15.48
N GLY A 13 6.57 -6.92 -16.56
CA GLY A 13 5.31 -7.34 -17.14
C GLY A 13 4.48 -6.21 -17.69
N ASP A 14 3.27 -6.48 -18.16
N ASP A 14 3.29 -6.58 -18.17
CA ASP A 14 2.51 -5.42 -18.81
CA ASP A 14 2.35 -5.76 -18.94
C ASP A 14 1.23 -5.02 -18.10
C ASP A 14 1.36 -5.02 -18.06
N LYS A 15 0.84 -5.70 -17.02
CA LYS A 15 -0.23 -5.19 -16.17
C LYS A 15 0.09 -5.65 -14.76
N ALA A 16 -0.40 -4.92 -13.75
CA ALA A 16 -0.09 -5.31 -12.38
C ALA A 16 -0.52 -6.74 -12.09
N ALA A 17 -1.68 -7.15 -12.61
CA ALA A 17 -2.19 -8.49 -12.32
C ALA A 17 -1.31 -9.59 -12.90
N SER A 18 -0.56 -9.30 -13.95
CA SER A 18 0.26 -10.29 -14.63
C SER A 18 1.76 -10.10 -14.39
N ALA A 19 2.16 -9.08 -13.64
CA ALA A 19 3.56 -8.74 -13.46
C ALA A 19 3.98 -9.11 -12.05
N GLY A 20 5.06 -9.86 -11.94
CA GLY A 20 5.62 -10.16 -10.64
C GLY A 20 6.40 -8.99 -10.08
N VAL A 21 6.21 -8.73 -8.79
CA VAL A 21 6.86 -7.59 -8.14
C VAL A 21 8.34 -7.86 -7.97
N GLN A 22 9.17 -6.88 -8.37
CA GLN A 22 10.61 -6.93 -8.09
C GLN A 22 10.98 -6.21 -6.80
N ARG A 23 10.49 -4.99 -6.61
CA ARG A 23 10.78 -4.20 -5.42
C ARG A 23 9.53 -3.44 -5.00
N ALA A 24 9.43 -3.16 -3.71
CA ALA A 24 8.33 -2.36 -3.20
C ALA A 24 8.85 -1.52 -2.06
N VAL A 25 8.29 -0.32 -1.91
CA VAL A 25 8.67 0.61 -0.85
C VAL A 25 7.43 1.26 -0.25
N THR A 26 7.58 1.72 0.99
CA THR A 26 6.56 2.48 1.69
C THR A 26 6.85 3.96 1.61
N LEU A 27 5.79 4.75 1.75
CA LEU A 27 5.90 6.20 1.73
C LEU A 27 4.78 6.74 2.62
N ASN A 28 5.13 7.55 3.61
CA ASN A 28 4.14 8.26 4.41
C ASN A 28 4.49 9.73 4.39
N CYS A 29 3.50 10.60 4.15
CA CYS A 29 3.83 11.99 3.91
C CYS A 29 3.47 12.96 5.04
N MET A 30 2.59 12.57 5.99
CA MET A 30 2.18 13.52 7.03
C MET A 30 2.52 13.00 8.43
N PRO A 31 2.95 13.89 9.35
CA PRO A 31 3.17 15.32 9.15
C PRO A 31 4.53 15.61 8.52
N LYS A 32 5.35 14.58 8.38
CA LYS A 32 6.68 14.66 7.80
C LYS A 32 6.88 13.43 6.92
N PRO A 33 7.72 13.52 5.89
CA PRO A 33 7.90 12.36 4.99
C PRO A 33 8.82 11.30 5.58
N SER A 34 8.41 10.04 5.42
CA SER A 34 9.21 8.89 5.82
C SER A 34 8.84 7.69 4.96
N GLY A 35 9.56 6.59 5.15
CA GLY A 35 9.31 5.34 4.45
C GLY A 35 10.59 4.72 3.96
N THR A 36 10.46 3.49 3.45
CA THR A 36 11.59 2.83 2.83
C THR A 36 11.92 3.39 1.46
N HIS A 37 11.05 4.24 0.90
CA HIS A 37 11.41 4.94 -0.32
C HIS A 37 12.73 5.68 -0.10
N PRO A 38 13.68 5.58 -1.02
CA PRO A 38 15.01 6.17 -0.80
C PRO A 38 15.05 7.70 -0.83
N ASP A 39 13.97 8.37 -1.27
CA ASP A 39 13.88 9.83 -1.25
C ASP A 39 12.42 10.20 -0.92
N ALA A 40 12.04 9.96 0.34
CA ALA A 40 10.65 10.16 0.75
C ALA A 40 10.23 11.61 0.63
N ARG A 41 11.12 12.55 0.99
CA ARG A 41 10.79 13.96 0.86
C ARG A 41 10.55 14.33 -0.60
N GLY A 42 11.45 13.88 -1.49
CA GLY A 42 11.27 14.19 -2.91
C GLY A 42 10.00 13.59 -3.48
N ALA A 43 9.70 12.34 -3.12
CA ALA A 43 8.49 11.69 -3.61
C ALA A 43 7.24 12.39 -3.10
N CYS A 44 7.20 12.69 -1.78
CA CYS A 44 6.04 13.36 -1.22
C CYS A 44 5.87 14.75 -1.80
N ASP A 45 6.98 15.48 -1.98
CA ASP A 45 6.90 16.80 -2.59
C ASP A 45 6.34 16.73 -4.01
N GLN A 46 6.81 15.76 -4.81
CA GLN A 46 6.32 15.65 -6.18
C GLN A 46 4.83 15.32 -6.21
N LEU A 47 4.39 14.44 -5.30
CA LEU A 47 2.98 14.08 -5.23
C LEU A 47 2.12 15.25 -4.75
N ARG A 48 2.62 16.00 -3.75
CA ARG A 48 1.88 17.17 -3.29
C ARG A 48 1.72 18.20 -4.41
N ALA A 49 2.79 18.45 -5.17
CA ALA A 49 2.69 19.38 -6.29
C ALA A 49 1.69 18.90 -7.34
N ALA A 50 1.56 17.59 -7.52
CA ALA A 50 0.60 17.01 -8.44
C ALA A 50 -0.76 16.75 -7.81
N SER A 51 -0.97 17.19 -6.57
CA SER A 51 -2.23 16.99 -5.85
C SER A 51 -2.64 15.51 -5.79
N GLY A 52 -1.64 14.63 -5.68
CA GLY A 52 -1.89 13.21 -5.61
C GLY A 52 -2.26 12.55 -6.93
N ASN A 53 -2.14 13.25 -8.05
CA ASN A 53 -2.51 12.71 -9.36
C ASN A 53 -1.31 11.95 -9.92
N PHE A 54 -1.36 10.62 -9.83
CA PHE A 54 -0.22 9.82 -10.27
C PHE A 54 -0.03 9.88 -11.78
N ALA A 55 -1.11 10.13 -12.53
CA ALA A 55 -0.96 10.30 -13.98
C ALA A 55 -0.09 11.51 -14.32
N GLU A 56 -0.11 12.55 -13.47
N GLU A 56 -0.14 12.55 -13.48
CA GLU A 56 0.76 13.69 -13.70
CA GLU A 56 0.76 13.68 -13.67
C GLU A 56 2.24 13.33 -13.50
C GLU A 56 2.22 13.26 -13.57
N ILE A 57 2.52 12.36 -12.63
CA ILE A 57 3.90 11.91 -12.43
C ILE A 57 4.45 11.27 -13.71
N THR A 58 3.66 10.41 -14.35
CA THR A 58 4.13 9.55 -15.44
C THR A 58 3.83 10.12 -16.83
N LYS A 59 3.34 11.36 -16.91
CA LYS A 59 2.86 11.92 -18.15
C LYS A 59 4.00 12.06 -19.17
N ILE A 60 3.62 12.20 -20.43
CA ILE A 60 4.64 12.25 -21.48
C ILE A 60 5.43 13.56 -21.37
N LYS A 61 6.71 13.47 -21.71
CA LYS A 61 7.62 14.61 -21.70
C LYS A 61 8.18 14.80 -23.11
N SER A 62 8.27 16.07 -23.53
CA SER A 62 8.69 16.35 -24.91
C SER A 62 10.12 15.92 -25.19
N GLY A 63 10.96 15.85 -24.16
CA GLY A 63 12.33 15.47 -24.38
C GLY A 63 12.58 13.98 -24.54
N THR A 64 11.57 13.14 -24.41
CA THR A 64 11.79 11.70 -24.38
C THR A 64 12.01 11.17 -25.78
N ALA A 65 13.10 10.42 -25.96
CA ALA A 65 13.41 9.79 -27.25
C ALA A 65 13.87 8.36 -26.97
N CYS A 66 12.95 7.41 -27.08
CA CYS A 66 13.22 6.01 -26.80
C CYS A 66 12.89 5.19 -28.04
N THR A 67 13.64 4.11 -28.24
CA THR A 67 13.21 3.14 -29.23
C THR A 67 11.97 2.39 -28.74
N LYS A 68 11.38 1.60 -29.61
CA LYS A 68 9.99 1.16 -29.44
C LYS A 68 9.82 -0.32 -29.12
N GLU A 69 10.90 -1.03 -28.79
N GLU A 69 10.90 -1.03 -28.76
CA GLU A 69 10.76 -2.45 -28.50
CA GLU A 69 10.80 -2.45 -28.46
C GLU A 69 9.98 -2.67 -27.21
C GLU A 69 10.01 -2.67 -27.18
N TRP A 70 9.29 -3.80 -27.14
CA TRP A 70 8.43 -4.14 -26.00
C TRP A 70 9.20 -4.95 -24.97
N ASN A 71 9.41 -4.36 -23.79
CA ASN A 71 10.19 -4.97 -22.70
C ASN A 71 9.66 -4.33 -21.42
N PRO A 72 8.41 -4.61 -21.05
CA PRO A 72 7.66 -3.68 -20.19
C PRO A 72 7.92 -3.85 -18.71
N PHE A 73 7.71 -2.73 -18.00
CA PHE A 73 7.66 -2.68 -16.54
C PHE A 73 6.35 -2.05 -16.13
N VAL A 74 5.81 -2.49 -14.98
N VAL A 74 5.79 -2.50 -15.00
CA VAL A 74 4.59 -1.93 -14.39
CA VAL A 74 4.62 -1.85 -14.43
C VAL A 74 4.95 -1.30 -13.04
C VAL A 74 5.01 -1.25 -13.09
N VAL A 75 4.48 -0.08 -12.81
CA VAL A 75 4.60 0.55 -11.50
C VAL A 75 3.19 0.66 -10.91
N THR A 76 3.10 0.54 -9.59
CA THR A 76 1.82 0.68 -8.91
C THR A 76 1.94 1.58 -7.69
N ALA A 77 0.81 2.20 -7.33
CA ALA A 77 0.67 2.88 -6.06
C ALA A 77 -0.66 2.46 -5.44
N GLU A 78 -0.64 2.20 -4.13
N GLU A 78 -0.66 2.22 -4.12
CA GLU A 78 -1.83 1.82 -3.40
CA GLU A 78 -1.88 1.85 -3.44
C GLU A 78 -1.78 2.45 -2.02
C GLU A 78 -1.80 2.24 -1.96
N GLY A 79 -2.95 2.60 -1.41
CA GLY A 79 -3.05 3.13 -0.05
C GLY A 79 -4.02 4.28 -0.03
N VAL A 80 -3.69 5.37 0.66
CA VAL A 80 -4.55 6.54 0.75
C VAL A 80 -3.74 7.80 0.49
N TRP A 81 -4.40 8.77 -0.13
CA TRP A 81 -3.85 10.11 -0.31
C TRP A 81 -4.91 11.08 0.17
N GLU A 82 -4.58 11.86 1.18
CA GLU A 82 -5.56 12.76 1.80
C GLU A 82 -6.82 12.00 2.22
N GLY A 83 -6.63 10.81 2.77
CA GLY A 83 -7.71 9.98 3.28
C GLY A 83 -8.51 9.21 2.25
N GLN A 84 -8.24 9.37 0.96
CA GLN A 84 -9.01 8.73 -0.10
C GLN A 84 -8.23 7.62 -0.76
N ARG A 85 -8.92 6.54 -1.12
CA ARG A 85 -8.26 5.35 -1.65
C ARG A 85 -7.47 5.65 -2.92
N VAL A 86 -6.27 5.07 -2.98
CA VAL A 86 -5.40 5.11 -4.16
C VAL A 86 -5.29 3.68 -4.69
N LYS A 87 -5.52 3.50 -5.99
CA LYS A 87 -5.23 2.24 -6.67
C LYS A 87 -4.83 2.61 -8.10
N TYR A 88 -3.52 2.67 -8.35
CA TYR A 88 -2.98 3.21 -9.59
C TYR A 88 -1.95 2.23 -10.14
N GLU A 89 -1.94 2.06 -11.47
CA GLU A 89 -0.88 1.34 -12.14
C GLU A 89 -0.58 2.01 -13.47
N HIS A 90 0.66 1.84 -13.92
CA HIS A 90 1.09 2.40 -15.20
C HIS A 90 2.11 1.47 -15.80
N THR A 91 1.99 1.21 -17.10
CA THR A 91 2.90 0.31 -17.79
C THR A 91 3.84 1.14 -18.65
N PHE A 92 5.14 0.97 -18.44
CA PHE A 92 6.17 1.55 -19.29
C PHE A 92 6.59 0.53 -20.33
N ALA A 93 6.66 0.96 -21.59
CA ALA A 93 6.91 0.03 -22.68
C ALA A 93 8.25 -0.68 -22.54
N ASN A 94 9.28 -0.01 -22.01
CA ASN A 94 10.63 -0.55 -21.95
C ASN A 94 11.44 0.26 -20.93
N PRO A 95 12.68 -0.15 -20.64
CA PRO A 95 13.46 0.57 -19.62
C PRO A 95 13.66 2.04 -19.93
N CYS A 96 13.84 2.39 -21.20
CA CYS A 96 14.01 3.80 -21.55
C CYS A 96 12.78 4.62 -21.18
N GLU A 97 11.59 4.08 -21.43
CA GLU A 97 10.38 4.84 -21.10
C GLU A 97 10.22 4.96 -19.60
N MET A 98 10.59 3.92 -18.84
CA MET A 98 10.48 4.01 -17.40
C MET A 98 11.42 5.07 -16.84
N LYS A 99 12.65 5.15 -17.36
CA LYS A 99 13.59 6.18 -16.93
C LYS A 99 13.01 7.57 -17.17
N ALA A 100 12.33 7.76 -18.29
CA ALA A 100 11.77 9.07 -18.60
C ALA A 100 10.58 9.41 -17.72
N GLY A 101 9.80 8.42 -17.30
CA GLY A 101 8.52 8.72 -16.66
C GLY A 101 8.38 8.39 -15.19
N LYS A 102 9.45 7.87 -14.57
CA LYS A 102 9.35 7.45 -13.17
C LYS A 102 9.40 8.62 -12.19
N GLY A 103 10.01 9.74 -12.59
CA GLY A 103 10.18 10.87 -11.70
C GLY A 103 10.94 10.48 -10.44
N THR A 104 10.61 11.15 -9.33
CA THR A 104 11.12 10.73 -8.03
C THR A 104 10.24 9.68 -7.37
N VAL A 105 8.92 9.76 -7.57
CA VAL A 105 7.98 8.82 -6.97
C VAL A 105 8.36 7.37 -7.25
N PHE A 106 8.63 7.03 -8.51
CA PHE A 106 8.89 5.65 -8.87
C PHE A 106 10.37 5.36 -9.03
N GLU A 107 11.23 6.19 -8.45
CA GLU A 107 12.69 5.99 -8.47
C GLU A 107 13.07 5.21 -7.21
N PHE A 108 13.06 3.89 -7.33
CA PHE A 108 13.45 2.99 -6.25
C PHE A 108 13.69 1.61 -6.85
N TYR B 1 15.24 -13.04 -0.55
CA TYR B 1 13.90 -12.72 -0.06
C TYR B 1 13.13 -11.87 -1.09
N ALA B 2 11.81 -11.83 -0.94
CA ALA B 2 10.90 -11.07 -1.78
C ALA B 2 10.27 -9.96 -0.95
N PRO B 3 9.83 -8.85 -1.55
CA PRO B 3 9.37 -7.71 -0.75
C PRO B 3 8.10 -8.02 0.03
N SER B 4 8.01 -7.43 1.22
CA SER B 4 6.79 -7.45 2.02
C SER B 4 6.57 -6.01 2.48
N ALA B 5 5.65 -5.31 1.82
CA ALA B 5 5.37 -3.92 2.15
C ALA B 5 3.88 -3.69 2.04
N LEU B 6 3.30 -3.04 3.05
CA LEU B 6 1.85 -2.93 3.13
C LEU B 6 1.44 -1.56 3.62
N VAL B 7 0.27 -1.13 3.19
N VAL B 7 0.23 -1.16 3.26
CA VAL B 7 -0.48 -0.06 3.86
CA VAL B 7 -0.46 -0.04 3.90
C VAL B 7 -1.71 -0.70 4.49
C VAL B 7 -1.77 -0.57 4.45
N LEU B 8 -2.00 -0.35 5.74
CA LEU B 8 -3.18 -0.82 6.44
C LEU B 8 -4.00 0.38 6.87
N THR B 9 -5.32 0.27 6.78
CA THR B 9 -6.19 1.37 7.19
C THR B 9 -7.33 0.88 8.06
N VAL B 10 -7.91 1.81 8.82
N VAL B 10 -7.93 1.82 8.78
CA VAL B 10 -9.13 1.58 9.56
CA VAL B 10 -9.14 1.58 9.55
C VAL B 10 -10.07 2.75 9.31
C VAL B 10 -10.08 2.76 9.32
N GLY B 11 -11.36 2.46 9.18
CA GLY B 11 -12.33 3.53 9.01
C GLY B 11 -13.73 3.05 9.29
N GLN B 12 -14.65 4.03 9.31
CA GLN B 12 -16.06 3.78 9.58
C GLN B 12 -16.77 3.43 8.30
N GLY B 13 -17.58 2.36 8.33
CA GLY B 13 -18.33 1.93 7.17
C GLY B 13 -18.38 0.42 7.06
N ASP B 14 -19.06 -0.11 6.05
CA ASP B 14 -19.22 -1.55 5.92
C ASP B 14 -18.48 -2.16 4.74
N LYS B 15 -17.83 -1.35 3.90
CA LYS B 15 -16.96 -1.83 2.84
C LYS B 15 -15.80 -0.85 2.70
N ALA B 16 -14.65 -1.36 2.25
CA ALA B 16 -13.48 -0.50 2.11
C ALA B 16 -13.75 0.67 1.19
N ALA B 17 -14.45 0.42 0.08
CA ALA B 17 -14.68 1.47 -0.91
C ALA B 17 -15.49 2.62 -0.33
N SER B 18 -16.42 2.32 0.57
CA SER B 18 -17.31 3.34 1.11
C SER B 18 -16.89 3.85 2.48
N ALA B 19 -15.76 3.37 3.02
CA ALA B 19 -15.42 3.71 4.38
C ALA B 19 -14.76 5.08 4.47
N GLY B 20 -15.04 5.78 5.57
CA GLY B 20 -14.28 6.98 5.88
C GLY B 20 -13.03 6.60 6.65
N VAL B 21 -11.87 6.65 5.97
CA VAL B 21 -10.62 6.24 6.59
C VAL B 21 -10.26 7.20 7.71
N GLN B 22 -9.99 6.64 8.88
CA GLN B 22 -9.60 7.41 10.07
C GLN B 22 -8.10 7.41 10.26
N ARG B 23 -7.45 6.24 10.18
CA ARG B 23 -6.03 6.11 10.40
C ARG B 23 -5.47 5.13 9.38
N ALA B 24 -4.23 5.34 9.00
CA ALA B 24 -3.56 4.48 8.02
C ALA B 24 -2.08 4.45 8.35
N VAL B 25 -1.47 3.28 8.22
CA VAL B 25 -0.08 3.07 8.62
C VAL B 25 0.64 2.29 7.53
N THR B 26 1.94 2.51 7.42
CA THR B 26 2.81 1.68 6.57
C THR B 26 3.48 0.58 7.40
N LEU B 27 3.82 -0.50 6.70
CA LEU B 27 4.46 -1.64 7.36
C LEU B 27 5.37 -2.30 6.34
N ASN B 28 6.67 -2.30 6.61
CA ASN B 28 7.63 -3.07 5.82
C ASN B 28 8.15 -4.20 6.68
N CYS B 29 8.32 -5.39 6.08
CA CYS B 29 8.79 -6.54 6.84
C CYS B 29 10.08 -7.16 6.34
N MET B 30 10.50 -6.88 5.10
CA MET B 30 11.67 -7.52 4.52
C MET B 30 12.73 -6.48 4.20
N PRO B 31 13.98 -6.63 4.70
CA PRO B 31 14.37 -7.73 5.59
C PRO B 31 14.18 -7.38 7.06
N LYS B 32 13.77 -6.14 7.34
CA LYS B 32 13.65 -5.67 8.71
C LYS B 32 12.30 -5.00 8.88
N PRO B 33 11.65 -5.16 10.03
CA PRO B 33 10.38 -4.48 10.26
C PRO B 33 10.57 -2.99 10.45
N SER B 34 9.71 -2.20 9.80
CA SER B 34 9.70 -0.76 9.98
C SER B 34 8.35 -0.25 9.52
N GLY B 35 8.14 1.06 9.63
CA GLY B 35 6.91 1.69 9.20
C GLY B 35 6.28 2.55 10.28
N THR B 36 5.23 3.27 9.89
CA THR B 36 4.49 4.05 10.88
C THR B 36 3.56 3.19 11.73
N HIS B 37 3.43 1.91 11.41
CA HIS B 37 2.68 1.01 12.27
C HIS B 37 3.24 1.11 13.69
N PRO B 38 2.39 1.12 14.72
CA PRO B 38 2.90 1.33 16.09
C PRO B 38 3.66 0.15 16.66
N ASP B 39 3.60 -1.02 16.02
CA ASP B 39 4.38 -2.18 16.48
C ASP B 39 4.74 -3.00 15.24
N ALA B 40 5.67 -2.46 14.46
CA ALA B 40 6.05 -3.11 13.19
C ALA B 40 6.61 -4.50 13.42
N ARG B 41 7.42 -4.67 14.46
N ARG B 41 7.43 -4.68 14.46
CA ARG B 41 7.99 -5.98 14.76
CA ARG B 41 7.98 -6.01 14.70
C ARG B 41 6.89 -6.98 15.11
C ARG B 41 6.88 -7.00 15.09
N GLY B 42 5.99 -6.61 16.02
CA GLY B 42 4.92 -7.51 16.40
C GLY B 42 3.99 -7.85 15.23
N ALA B 43 3.73 -6.86 14.37
CA ALA B 43 2.82 -7.08 13.25
C ALA B 43 3.44 -8.02 12.24
N CYS B 44 4.70 -7.76 11.85
CA CYS B 44 5.41 -8.67 10.97
C CYS B 44 5.51 -10.08 11.54
N ASP B 45 5.73 -10.20 12.86
CA ASP B 45 5.79 -11.51 13.48
C ASP B 45 4.46 -12.24 13.39
N GLN B 46 3.36 -11.54 13.72
CA GLN B 46 2.05 -12.16 13.69
C GLN B 46 1.67 -12.56 12.27
N LEU B 47 1.98 -11.71 11.29
CA LEU B 47 1.67 -12.03 9.90
C LEU B 47 2.46 -13.24 9.41
N ARG B 48 3.74 -13.32 9.76
N ARG B 48 3.74 -13.32 9.76
CA ARG B 48 4.55 -14.47 9.38
CA ARG B 48 4.55 -14.48 9.37
C ARG B 48 3.95 -15.76 9.94
C ARG B 48 3.95 -15.76 9.94
N ALA B 49 3.57 -15.74 11.21
CA ALA B 49 2.96 -16.91 11.84
C ALA B 49 1.67 -17.34 11.14
N ALA B 50 0.91 -16.38 10.59
CA ALA B 50 -0.32 -16.70 9.86
C ALA B 50 -0.10 -16.91 8.36
N SER B 51 1.16 -16.98 7.92
CA SER B 51 1.49 -17.13 6.50
C SER B 51 0.90 -16.03 5.64
N GLY B 52 0.78 -14.83 6.21
CA GLY B 52 0.23 -13.71 5.48
C GLY B 52 -1.28 -13.69 5.38
N ASN B 53 -1.97 -14.56 6.12
CA ASN B 53 -3.42 -14.68 6.00
C ASN B 53 -4.11 -13.76 6.99
N PHE B 54 -4.49 -12.57 6.51
CA PHE B 54 -5.14 -11.60 7.39
C PHE B 54 -6.44 -12.14 7.98
N ALA B 55 -7.17 -12.95 7.23
CA ALA B 55 -8.46 -13.45 7.72
C ALA B 55 -8.31 -14.32 8.95
N GLU B 56 -7.20 -15.05 9.06
CA GLU B 56 -6.94 -15.85 10.26
C GLU B 56 -6.81 -14.97 11.50
N ILE B 57 -6.38 -13.72 11.32
CA ILE B 57 -6.20 -12.83 12.47
C ILE B 57 -7.52 -12.19 12.91
N THR B 58 -8.43 -11.90 11.98
CA THR B 58 -9.59 -11.09 12.30
C THR B 58 -10.83 -11.90 12.71
N LYS B 59 -10.80 -13.23 12.60
CA LYS B 59 -12.00 -14.02 12.82
C LYS B 59 -12.46 -13.97 14.28
N ILE B 60 -13.77 -14.14 14.48
CA ILE B 60 -14.39 -13.97 15.79
C ILE B 60 -13.83 -14.92 16.86
N GLY B 63 -14.99 -16.40 23.39
CA GLY B 63 -15.12 -15.63 24.62
C GLY B 63 -15.53 -14.19 24.38
N THR B 64 -15.75 -13.84 23.12
CA THR B 64 -16.14 -12.48 22.75
C THR B 64 -17.65 -12.34 22.94
N ALA B 65 -18.05 -11.49 23.87
CA ALA B 65 -19.47 -11.25 24.19
C ALA B 65 -19.83 -9.84 23.76
N CYS B 66 -20.30 -9.69 22.53
CA CYS B 66 -20.66 -8.39 21.98
C CYS B 66 -22.15 -8.36 21.68
N THR B 67 -22.71 -7.15 21.71
CA THR B 67 -24.09 -6.96 21.29
C THR B 67 -24.19 -7.06 19.77
N LYS B 68 -25.43 -7.10 19.28
CA LYS B 68 -25.69 -7.18 17.86
C LYS B 68 -25.85 -5.80 17.22
N GLU B 69 -25.44 -4.74 17.92
CA GLU B 69 -25.52 -3.40 17.34
C GLU B 69 -24.67 -3.31 16.09
N TRP B 70 -25.21 -2.66 15.07
CA TRP B 70 -24.52 -2.47 13.80
C TRP B 70 -23.89 -1.08 13.79
N ASN B 71 -22.57 -1.05 13.98
CA ASN B 71 -21.79 0.19 14.01
C ASN B 71 -20.45 -0.13 13.37
N PRO B 72 -20.45 -0.34 12.06
CA PRO B 72 -19.35 -1.09 11.43
C PRO B 72 -18.08 -0.29 11.22
N PHE B 73 -16.95 -1.03 11.28
CA PHE B 73 -15.64 -0.50 10.96
C PHE B 73 -14.94 -1.48 10.03
N VAL B 74 -14.19 -0.95 9.08
CA VAL B 74 -13.49 -1.76 8.08
C VAL B 74 -12.01 -1.57 8.25
N VAL B 75 -11.27 -2.68 8.29
CA VAL B 75 -9.81 -2.67 8.24
C VAL B 75 -9.38 -3.20 6.89
N THR B 76 -8.27 -2.67 6.39
CA THR B 76 -7.74 -3.09 5.11
C THR B 76 -6.24 -3.31 5.20
N ALA B 77 -5.74 -4.12 4.27
CA ALA B 77 -4.31 -4.30 4.05
C ALA B 77 -4.11 -4.44 2.56
N GLU B 78 -3.15 -3.69 2.01
N GLU B 78 -3.13 -3.71 2.01
CA GLU B 78 -2.84 -3.69 0.59
CA GLU B 78 -2.87 -3.83 0.58
C GLU B 78 -1.33 -3.64 0.41
C GLU B 78 -1.40 -3.53 0.30
N GLY B 79 -0.86 -4.20 -0.71
CA GLY B 79 0.54 -4.10 -1.07
C GLY B 79 1.07 -5.44 -1.51
N VAL B 80 2.16 -5.87 -0.91
N VAL B 80 2.17 -5.85 -0.91
CA VAL B 80 2.82 -7.11 -1.32
CA VAL B 80 2.87 -7.07 -1.29
C VAL B 80 3.28 -7.85 -0.08
C VAL B 80 3.23 -7.85 -0.03
N TRP B 81 3.04 -9.17 -0.08
CA TRP B 81 3.47 -10.05 1.01
C TRP B 81 4.33 -11.14 0.38
N GLU B 82 5.60 -11.17 0.75
CA GLU B 82 6.56 -12.14 0.20
C GLU B 82 6.47 -12.20 -1.32
N GLY B 83 6.41 -11.02 -1.93
CA GLY B 83 6.41 -10.91 -3.37
C GLY B 83 5.07 -11.06 -4.07
N GLN B 84 4.00 -11.39 -3.35
N GLN B 84 4.01 -11.37 -3.34
CA GLN B 84 2.69 -11.58 -3.94
CA GLN B 84 2.68 -11.58 -3.91
C GLN B 84 1.79 -10.40 -3.61
C GLN B 84 1.81 -10.38 -3.60
N ARG B 85 1.09 -9.88 -4.62
CA ARG B 85 0.17 -8.77 -4.38
C ARG B 85 -0.98 -9.22 -3.49
N VAL B 86 -1.36 -8.34 -2.56
CA VAL B 86 -2.47 -8.63 -1.65
C VAL B 86 -3.40 -7.42 -1.58
N LYS B 87 -4.68 -7.70 -1.39
CA LYS B 87 -5.70 -6.67 -1.22
C LYS B 87 -6.76 -7.31 -0.34
N TYR B 88 -6.85 -6.86 0.92
CA TYR B 88 -7.69 -7.49 1.91
C TYR B 88 -8.56 -6.44 2.58
N GLU B 89 -9.80 -6.82 2.89
CA GLU B 89 -10.64 -5.97 3.75
C GLU B 89 -11.48 -6.87 4.65
N HIS B 90 -11.87 -6.31 5.80
CA HIS B 90 -12.70 -7.02 6.74
C HIS B 90 -13.56 -6.02 7.47
N THR B 91 -14.86 -6.32 7.58
CA THR B 91 -15.80 -5.47 8.29
C THR B 91 -16.13 -6.06 9.64
N PHE B 92 -15.76 -5.34 10.71
CA PHE B 92 -16.21 -5.65 12.05
C PHE B 92 -17.58 -5.02 12.27
N ALA B 93 -18.48 -5.78 12.88
CA ALA B 93 -19.86 -5.32 13.05
C ALA B 93 -19.95 -4.10 13.98
N ASN B 94 -19.06 -4.00 14.95
CA ASN B 94 -19.11 -2.92 15.91
C ASN B 94 -17.77 -2.85 16.62
N PRO B 95 -17.54 -1.79 17.42
CA PRO B 95 -16.26 -1.67 18.14
C PRO B 95 -15.93 -2.86 19.03
N CYS B 96 -16.93 -3.49 19.64
CA CYS B 96 -16.66 -4.63 20.51
C CYS B 96 -16.03 -5.79 19.74
N GLU B 97 -16.55 -6.08 18.54
N GLU B 97 -16.54 -6.07 18.53
CA GLU B 97 -15.97 -7.14 17.73
CA GLU B 97 -15.98 -7.15 17.73
C GLU B 97 -14.58 -6.75 17.24
C GLU B 97 -14.60 -6.77 17.17
N MET B 98 -14.39 -5.48 16.88
CA MET B 98 -13.09 -5.03 16.40
C MET B 98 -12.05 -5.15 17.49
N LYS B 99 -12.40 -4.74 18.72
CA LYS B 99 -11.47 -4.85 19.84
C LYS B 99 -10.94 -6.28 19.99
N ALA B 100 -11.81 -7.27 19.82
CA ALA B 100 -11.40 -8.66 19.93
C ALA B 100 -10.69 -9.18 18.69
N GLY B 101 -10.92 -8.57 17.53
CA GLY B 101 -10.43 -9.15 16.29
C GLY B 101 -9.24 -8.48 15.64
N LYS B 102 -8.71 -7.42 16.24
CA LYS B 102 -7.63 -6.68 15.59
C LYS B 102 -6.28 -7.36 15.71
N GLY B 103 -6.06 -8.17 16.75
CA GLY B 103 -4.73 -8.71 16.99
C GLY B 103 -3.72 -7.59 17.16
N THR B 104 -2.49 -7.85 16.74
CA THR B 104 -1.46 -6.82 16.67
C THR B 104 -1.44 -6.14 15.30
N VAL B 105 -1.71 -6.90 14.24
CA VAL B 105 -1.62 -6.36 12.88
C VAL B 105 -2.53 -5.14 12.71
N PHE B 106 -3.76 -5.22 13.19
CA PHE B 106 -4.71 -4.15 12.98
C PHE B 106 -4.90 -3.28 14.22
N GLU B 107 -3.98 -3.35 15.18
CA GLU B 107 -4.01 -2.48 16.36
C GLU B 107 -3.26 -1.19 16.06
N PHE B 108 -3.98 -0.22 15.52
CA PHE B 108 -3.41 1.09 15.17
C PHE B 108 -4.50 2.12 15.03
#